data_2DCH
#
_entry.id   2DCH
#
_cell.length_a   91.593
_cell.length_b   91.593
_cell.length_c   193.643
_cell.angle_alpha   90.00
_cell.angle_beta   90.00
_cell.angle_gamma   120.00
#
_symmetry.space_group_name_H-M   'H 3 2'
#
loop_
_entity.id
_entity.type
_entity.pdbx_description
1 polymer 'putative homing endonuclease'
2 non-polymer 'CHLORIDE ION'
3 non-polymer 'SULFATE ION'
4 water water
#
_entity_poly.entity_id   1
_entity_poly.type   'polypeptide(L)'
_entity_poly.pdbx_seq_one_letter_code
;MGSSHHHHHHSSGLVPRGSHMKVWDYLCGLIAADGHLDEEGYITILQKDRRFIDKIVALLKSAEIKISSLFYDKGAGVWK
IKVKDERLYRYLVNNGVIPGKKAHVLRPPSSAVDPLWYIIGFIDGDGWVEQVVKRAGDKSYYYIRIGIKTKSKELRDWIA
QTLNDLGIRASRADKSDGYEVHIDGVEAWRLVPHLQNPTHLERAQSVKDNRLSLLF
;
_entity_poly.pdbx_strand_id   X
#
loop_
_chem_comp.id
_chem_comp.type
_chem_comp.name
_chem_comp.formula
CL non-polymer 'CHLORIDE ION' 'Cl -1'
SO4 non-polymer 'SULFATE ION' 'O4 S -2'
#
# COMPACT_ATOMS: atom_id res chain seq x y z
N HIS A 10 24.10 -8.10 -2.98
CA HIS A 10 22.83 -8.89 -3.23
C HIS A 10 21.53 -8.11 -2.94
N SER A 11 20.99 -7.45 -3.99
CA SER A 11 19.85 -6.49 -3.85
C SER A 11 18.48 -7.17 -3.73
N SER A 12 17.75 -6.78 -2.68
CA SER A 12 16.46 -7.41 -2.38
C SER A 12 15.47 -6.36 -1.95
N GLY A 13 14.28 -6.80 -1.61
CA GLY A 13 13.26 -5.91 -1.13
C GLY A 13 12.50 -5.22 -2.26
N LEU A 14 12.73 -5.70 -3.48
CA LEU A 14 12.09 -5.15 -4.69
C LEU A 14 10.82 -5.95 -5.00
N VAL A 15 9.98 -5.41 -5.87
CA VAL A 15 8.79 -6.15 -6.32
C VAL A 15 9.33 -7.24 -7.21
N PRO A 16 9.05 -8.50 -6.88
CA PRO A 16 9.53 -9.59 -7.67
C PRO A 16 9.16 -9.56 -9.19
N ARG A 17 10.11 -10.02 -9.96
CA ARG A 17 9.99 -10.12 -11.40
C ARG A 17 10.32 -11.58 -11.68
N GLY A 18 10.37 -11.97 -12.95
CA GLY A 18 10.77 -13.31 -13.30
C GLY A 18 9.61 -14.27 -13.32
N SER A 19 9.93 -15.54 -13.04
CA SER A 19 8.92 -16.63 -13.05
C SER A 19 7.90 -16.51 -11.92
N HIS A 20 8.27 -15.82 -10.83
CA HIS A 20 7.32 -15.61 -9.73
C HIS A 20 7.12 -14.14 -9.47
N MET A 21 6.94 -13.39 -10.58
CA MET A 21 6.73 -11.97 -10.56
C MET A 21 5.44 -11.56 -9.84
N LYS A 22 5.43 -10.35 -9.33
CA LYS A 22 4.33 -9.84 -8.53
C LYS A 22 4.05 -8.41 -8.91
N VAL A 23 4.55 -7.96 -10.06
CA VAL A 23 4.31 -6.58 -10.48
C VAL A 23 2.83 -6.23 -10.55
N TRP A 24 2.04 -7.00 -11.28
CA TRP A 24 0.59 -6.73 -11.39
C TRP A 24 -0.13 -6.82 -10.05
N ASP A 25 0.22 -7.82 -9.23
CA ASP A 25 -0.44 -7.96 -7.89
C ASP A 25 -0.18 -6.73 -7.02
N TYR A 26 1.08 -6.28 -7.04
CA TYR A 26 1.47 -5.08 -6.32
C TYR A 26 0.71 -3.89 -6.89
N LEU A 27 0.73 -3.75 -8.22
CA LEU A 27 0.04 -2.57 -8.82
C LEU A 27 -1.45 -2.59 -8.52
N CYS A 28 -2.03 -3.78 -8.46
CA CYS A 28 -3.45 -3.87 -8.10
C CYS A 28 -3.75 -3.19 -6.77
N GLY A 29 -2.98 -3.52 -5.73
CA GLY A 29 -3.17 -2.90 -4.44
C GLY A 29 -2.82 -1.44 -4.43
N LEU A 30 -1.71 -1.08 -5.11
CA LEU A 30 -1.27 0.32 -5.17
C LEU A 30 -2.36 1.21 -5.77
N ILE A 31 -2.90 0.74 -6.89
CA ILE A 31 -3.88 1.53 -7.70
C ILE A 31 -5.21 1.50 -6.97
N ALA A 32 -5.54 0.38 -6.32
CA ALA A 32 -6.76 0.36 -5.52
C ALA A 32 -6.64 1.44 -4.46
N ALA A 33 -5.45 1.59 -3.87
CA ALA A 33 -5.25 2.61 -2.83
C ALA A 33 -5.18 4.05 -3.37
N ASP A 34 -4.46 4.26 -4.46
CA ASP A 34 -4.12 5.65 -4.90
C ASP A 34 -4.60 6.03 -6.30
N GLY A 35 -5.41 5.16 -6.90
CA GLY A 35 -5.79 5.29 -8.32
C GLY A 35 -7.27 5.59 -8.57
N HIS A 36 -7.58 6.09 -9.76
CA HIS A 36 -8.97 6.10 -10.20
C HIS A 36 -9.11 5.77 -11.67
N LEU A 37 -10.09 4.92 -11.93
CA LEU A 37 -10.40 4.44 -13.28
C LEU A 37 -11.56 5.28 -13.81
N ASP A 38 -11.47 5.69 -15.06
CA ASP A 38 -12.49 6.57 -15.59
C ASP A 38 -13.28 5.99 -16.73
N GLU A 39 -14.36 6.70 -17.07
CA GLU A 39 -15.28 6.30 -18.15
C GLU A 39 -14.58 6.10 -19.49
N GLU A 40 -13.49 6.84 -19.69
CA GLU A 40 -12.75 6.78 -20.94
C GLU A 40 -11.80 5.58 -21.04
N GLY A 41 -11.54 4.91 -19.92
CA GLY A 41 -10.62 3.76 -19.94
C GLY A 41 -9.21 4.05 -19.43
N TYR A 42 -9.02 5.21 -18.81
CA TYR A 42 -7.76 5.62 -18.23
C TYR A 42 -7.65 5.27 -16.76
N ILE A 43 -6.44 4.97 -16.34
CA ILE A 43 -6.06 4.74 -14.93
C ILE A 43 -5.24 5.95 -14.52
N THR A 44 -5.62 6.59 -13.43
CA THR A 44 -4.82 7.69 -12.91
C THR A 44 -4.35 7.33 -11.49
N ILE A 45 -3.03 7.29 -11.31
CA ILE A 45 -2.35 7.03 -10.04
C ILE A 45 -1.89 8.33 -9.44
N LEU A 46 -2.31 8.62 -8.21
CA LEU A 46 -1.96 9.85 -7.51
C LEU A 46 -1.00 9.60 -6.32
N GLN A 47 0.18 10.24 -6.34
CA GLN A 47 1.08 10.28 -5.18
C GLN A 47 1.70 11.64 -4.94
N LYS A 48 1.76 12.06 -3.66
CA LYS A 48 2.34 13.35 -3.28
C LYS A 48 3.83 13.33 -3.43
N ASP A 49 4.45 12.23 -3.04
CA ASP A 49 5.90 12.14 -2.92
C ASP A 49 6.50 11.73 -4.26
N ARG A 50 7.35 12.58 -4.82
CA ARG A 50 7.89 12.36 -6.16
C ARG A 50 8.92 11.22 -6.23
N ARG A 51 9.64 10.97 -5.16
CA ARG A 51 10.60 9.86 -5.22
C ARG A 51 9.85 8.52 -5.25
N PHE A 52 8.62 8.49 -4.75
CA PHE A 52 7.82 7.24 -4.81
C PHE A 52 7.26 7.14 -6.21
N ILE A 53 6.79 8.28 -6.73
CA ILE A 53 6.37 8.36 -8.14
C ILE A 53 7.37 7.72 -9.05
N ASP A 54 8.65 8.06 -8.85
CA ASP A 54 9.74 7.53 -9.67
C ASP A 54 9.76 6.00 -9.66
N LYS A 55 9.48 5.38 -8.51
CA LYS A 55 9.53 3.92 -8.37
C LYS A 55 8.36 3.29 -9.10
N ILE A 56 7.21 3.93 -9.01
CA ILE A 56 6.00 3.44 -9.73
C ILE A 56 6.26 3.44 -11.25
N VAL A 57 6.78 4.58 -11.75
CA VAL A 57 7.14 4.71 -13.17
C VAL A 57 8.03 3.60 -13.68
N ALA A 58 9.06 3.29 -12.91
CA ALA A 58 10.00 2.19 -13.19
C ALA A 58 9.30 0.82 -13.21
N LEU A 59 8.32 0.63 -12.30
CA LEU A 59 7.58 -0.63 -12.25
C LEU A 59 6.70 -0.79 -13.49
N LEU A 60 6.06 0.29 -13.88
CA LEU A 60 5.19 0.25 -15.03
C LEU A 60 6.02 0.02 -16.30
N LYS A 61 7.17 0.69 -16.40
CA LYS A 61 8.07 0.46 -17.54
C LYS A 61 8.44 -1.00 -17.65
N SER A 62 8.84 -1.57 -16.53
CA SER A 62 9.10 -3.01 -16.40
C SER A 62 7.94 -3.89 -16.84
N ALA A 63 6.70 -3.54 -16.51
CA ALA A 63 5.55 -4.38 -16.92
C ALA A 63 5.14 -4.18 -18.40
N GLU A 64 5.82 -3.25 -19.08
CA GLU A 64 5.53 -2.91 -20.49
C GLU A 64 4.27 -2.06 -20.59
N ILE A 65 3.95 -1.34 -19.51
CA ILE A 65 2.77 -0.51 -19.47
C ILE A 65 3.23 0.90 -19.76
N LYS A 66 2.79 1.44 -20.89
CA LYS A 66 3.21 2.76 -21.34
C LYS A 66 2.47 3.85 -20.55
N ILE A 67 3.19 4.91 -20.18
CA ILE A 67 2.61 6.03 -19.47
C ILE A 67 2.13 7.06 -20.48
N SER A 68 0.85 7.42 -20.42
CA SER A 68 0.28 8.45 -21.29
C SER A 68 0.77 9.81 -20.92
N SER A 69 0.67 10.15 -19.64
CA SER A 69 1.19 11.41 -19.13
C SER A 69 1.61 11.31 -17.68
N LEU A 70 2.51 12.21 -17.30
CA LEU A 70 2.90 12.40 -15.92
C LEU A 70 2.95 13.88 -15.62
N PHE A 71 2.10 14.35 -14.74
CA PHE A 71 2.03 15.78 -14.49
C PHE A 71 1.74 16.08 -13.04
N TYR A 72 2.35 17.14 -12.54
CA TYR A 72 2.12 17.58 -11.18
C TYR A 72 0.90 18.48 -11.08
N ASP A 73 -0.18 17.94 -10.51
CA ASP A 73 -1.37 18.71 -10.22
C ASP A 73 -1.04 19.73 -9.13
N LYS A 74 -0.89 20.99 -9.52
CA LYS A 74 -0.54 22.07 -8.58
C LYS A 74 -1.62 22.31 -7.51
N GLY A 75 -2.87 22.09 -7.90
CA GLY A 75 -4.02 22.28 -7.00
C GLY A 75 -4.08 21.28 -5.85
N ALA A 76 -4.33 20.02 -6.21
CA ALA A 76 -4.31 18.89 -5.24
C ALA A 76 -2.95 18.71 -4.50
N GLY A 77 -1.86 19.06 -5.17
CA GLY A 77 -0.52 18.93 -4.57
C GLY A 77 0.07 17.53 -4.76
N VAL A 78 -0.33 16.85 -5.84
CA VAL A 78 0.06 15.47 -6.10
C VAL A 78 0.58 15.28 -7.53
N TRP A 79 1.36 14.22 -7.75
CA TRP A 79 1.73 13.79 -9.10
C TRP A 79 0.69 12.78 -9.57
N LYS A 80 0.37 12.87 -10.86
CA LYS A 80 -0.60 11.99 -11.47
C LYS A 80 0.06 11.27 -12.62
N ILE A 81 -0.01 9.94 -12.57
CA ILE A 81 0.44 9.12 -13.65
C ILE A 81 -0.84 8.64 -14.37
N LYS A 82 -0.92 8.93 -15.67
CA LYS A 82 -2.03 8.49 -16.50
C LYS A 82 -1.58 7.31 -17.33
N VAL A 83 -2.40 6.27 -17.32
CA VAL A 83 -2.13 5.07 -18.07
C VAL A 83 -3.36 4.67 -18.88
N LYS A 84 -3.14 4.31 -20.14
CA LYS A 84 -4.21 3.87 -20.99
C LYS A 84 -3.91 2.46 -21.46
N ASP A 85 -4.45 1.45 -20.76
CA ASP A 85 -4.12 0.05 -21.01
C ASP A 85 -5.33 -0.86 -20.75
N GLU A 86 -5.83 -1.50 -21.82
CA GLU A 86 -7.07 -2.25 -21.72
C GLU A 86 -6.95 -3.47 -20.81
N ARG A 87 -5.83 -4.19 -20.91
CA ARG A 87 -5.65 -5.42 -20.17
C ARG A 87 -5.48 -5.16 -18.67
N LEU A 88 -4.79 -4.07 -18.36
CA LEU A 88 -4.58 -3.66 -17.00
C LEU A 88 -5.91 -3.12 -16.41
N TYR A 89 -6.62 -2.32 -17.22
CA TYR A 89 -7.89 -1.73 -16.81
C TYR A 89 -8.86 -2.85 -16.47
N ARG A 90 -8.90 -3.88 -17.30
CA ARG A 90 -9.80 -5.03 -17.10
C ARG A 90 -9.42 -5.86 -15.90
N TYR A 91 -8.11 -6.08 -15.73
CA TYR A 91 -7.60 -6.80 -14.58
C TYR A 91 -8.02 -6.10 -13.33
N LEU A 92 -7.79 -4.80 -13.28
CA LEU A 92 -8.15 -4.03 -12.11
C LEU A 92 -9.64 -4.10 -11.77
N VAL A 93 -10.50 -3.94 -12.79
CA VAL A 93 -11.96 -3.96 -12.53
C VAL A 93 -12.46 -5.35 -12.18
N ASN A 94 -11.67 -6.36 -12.51
CA ASN A 94 -12.01 -7.71 -12.15
C ASN A 94 -11.41 -8.10 -10.79
N ASN A 95 -10.75 -7.15 -10.14
CA ASN A 95 -10.14 -7.37 -8.84
C ASN A 95 -10.51 -6.30 -7.85
N GLY A 96 -11.75 -5.80 -7.98
CA GLY A 96 -12.35 -4.95 -7.00
C GLY A 96 -12.12 -3.45 -7.16
N VAL A 97 -11.33 -3.06 -8.15
CA VAL A 97 -11.03 -1.67 -8.39
C VAL A 97 -12.11 -1.06 -9.29
N ILE A 98 -13.13 -0.47 -8.66
CA ILE A 98 -14.32 0.03 -9.36
C ILE A 98 -14.10 1.41 -9.92
N PRO A 99 -14.48 1.63 -11.19
CA PRO A 99 -14.30 2.97 -11.73
C PRO A 99 -15.18 4.03 -11.04
N GLY A 100 -14.94 5.30 -11.37
CA GLY A 100 -15.68 6.43 -10.83
C GLY A 100 -14.87 7.35 -9.93
N LYS A 101 -15.34 7.53 -8.68
CA LYS A 101 -14.77 8.54 -7.76
C LYS A 101 -14.66 8.06 -6.30
N VAL A 105 -16.98 2.62 -2.58
CA VAL A 105 -16.60 1.38 -1.82
C VAL A 105 -15.88 0.34 -2.73
N LEU A 106 -14.58 0.14 -2.45
CA LEU A 106 -13.78 -0.84 -3.16
C LEU A 106 -14.18 -2.24 -2.72
N ARG A 107 -13.84 -3.23 -3.53
CA ARG A 107 -14.04 -4.60 -3.13
C ARG A 107 -12.68 -5.28 -3.02
N PRO A 108 -12.58 -6.34 -2.19
CA PRO A 108 -11.38 -7.17 -2.17
C PRO A 108 -11.08 -7.68 -3.56
N PRO A 109 -9.78 -7.94 -3.85
CA PRO A 109 -9.45 -8.56 -5.13
C PRO A 109 -9.82 -10.02 -5.13
N SER A 110 -9.79 -10.65 -6.31
CA SER A 110 -10.10 -12.08 -6.41
C SER A 110 -8.94 -12.95 -5.90
N SER A 111 -9.15 -14.27 -5.91
CA SER A 111 -8.18 -15.24 -5.45
C SER A 111 -6.95 -15.36 -6.30
N ALA A 112 -7.05 -14.93 -7.53
CA ALA A 112 -5.93 -15.01 -8.43
C ALA A 112 -4.83 -14.01 -8.11
N VAL A 113 -5.16 -12.87 -7.50
CA VAL A 113 -4.18 -11.87 -7.05
C VAL A 113 -3.44 -12.40 -5.82
N ASP A 114 -2.11 -12.24 -5.83
CA ASP A 114 -1.32 -12.59 -4.64
C ASP A 114 -1.71 -11.63 -3.51
N PRO A 115 -2.34 -12.15 -2.45
CA PRO A 115 -2.85 -11.21 -1.43
C PRO A 115 -1.78 -10.40 -0.65
N LEU A 116 -0.66 -11.04 -0.31
CA LEU A 116 0.41 -10.33 0.39
C LEU A 116 0.87 -9.17 -0.46
N TRP A 117 1.13 -9.42 -1.75
CA TRP A 117 1.59 -8.34 -2.63
C TRP A 117 0.58 -7.23 -2.93
N TYR A 118 -0.72 -7.57 -2.98
CA TYR A 118 -1.75 -6.54 -3.10
C TYR A 118 -1.73 -5.67 -1.84
N ILE A 119 -1.65 -6.33 -0.68
CA ILE A 119 -1.69 -5.61 0.60
C ILE A 119 -0.45 -4.66 0.74
N ILE A 120 0.72 -5.13 0.35
CA ILE A 120 1.94 -4.27 0.33
C ILE A 120 1.76 -3.03 -0.55
N GLY A 121 1.25 -3.27 -1.77
CA GLY A 121 0.90 -2.20 -2.72
C GLY A 121 -0.02 -1.18 -2.09
N PHE A 122 -1.03 -1.69 -1.41
CA PHE A 122 -2.04 -0.87 -0.76
C PHE A 122 -1.43 -0.05 0.40
N ILE A 123 -0.59 -0.70 1.20
CA ILE A 123 0.17 0.04 2.22
C ILE A 123 1.00 1.14 1.59
N ASP A 124 1.70 0.84 0.52
CA ASP A 124 2.56 1.82 -0.16
C ASP A 124 1.73 2.98 -0.70
N GLY A 125 0.57 2.66 -1.27
CA GLY A 125 -0.35 3.66 -1.85
C GLY A 125 -1.07 4.57 -0.91
N ASP A 126 -1.57 4.03 0.19
CA ASP A 126 -2.34 4.86 1.07
C ASP A 126 -2.25 4.51 2.56
N GLY A 127 -1.39 3.56 2.94
CA GLY A 127 -1.20 3.25 4.35
C GLY A 127 -0.26 4.25 5.01
N TRP A 128 0.06 4.02 6.28
CA TRP A 128 1.01 4.91 7.00
C TRP A 128 1.81 4.12 8.04
N VAL A 129 2.94 4.69 8.46
CA VAL A 129 3.77 4.17 9.53
C VAL A 129 3.78 5.22 10.64
N GLU A 130 3.46 4.80 11.87
CA GLU A 130 3.56 5.69 13.02
C GLU A 130 4.20 4.95 14.19
N GLN A 131 4.64 5.71 15.19
CA GLN A 131 5.16 5.09 16.39
C GLN A 131 4.06 5.11 17.42
N VAL A 132 3.76 3.96 18.00
CA VAL A 132 2.77 3.93 19.11
C VAL A 132 3.59 3.65 20.36
N VAL A 133 2.96 3.78 21.51
CA VAL A 133 3.67 3.70 22.79
C VAL A 133 2.88 2.78 23.73
N LYS A 134 3.58 1.81 24.26
CA LYS A 134 3.04 0.98 25.32
C LYS A 134 3.62 1.39 26.68
N ARG A 135 2.72 1.66 27.62
CA ARG A 135 3.09 2.12 28.96
C ARG A 135 3.25 0.96 29.91
N ALA A 136 4.45 0.75 30.46
CA ALA A 136 4.74 -0.40 31.34
C ALA A 136 5.56 0.04 32.52
N GLY A 137 5.09 -0.30 33.72
CA GLY A 137 5.73 0.19 34.95
C GLY A 137 6.29 1.61 34.85
N ASP A 138 5.44 2.54 34.42
CA ASP A 138 5.73 3.97 34.52
C ASP A 138 6.76 4.46 33.50
N LYS A 139 6.93 3.66 32.43
CA LYS A 139 7.87 3.94 31.33
C LYS A 139 7.16 3.75 30.00
N SER A 140 7.60 4.49 29.00
CA SER A 140 7.01 4.45 27.67
C SER A 140 7.89 3.72 26.66
N TYR A 141 7.40 2.57 26.18
CA TYR A 141 8.06 1.80 25.14
C TYR A 141 7.41 2.03 23.75
N TYR A 142 8.20 2.51 22.82
CA TYR A 142 7.78 2.78 21.47
C TYR A 142 7.93 1.58 20.52
N TYR A 143 6.96 1.44 19.65
CA TYR A 143 7.07 0.45 18.61
C TYR A 143 6.28 0.89 17.38
N ILE A 144 6.56 0.29 16.22
CA ILE A 144 5.89 0.78 15.01
C ILE A 144 4.49 0.18 14.77
N ARG A 145 3.64 0.95 14.11
CA ARG A 145 2.36 0.51 13.63
C ARG A 145 2.32 0.84 12.14
N ILE A 146 1.98 -0.17 11.32
CA ILE A 146 1.52 0.14 9.97
C ILE A 146 0.00 0.22 10.02
N GLY A 147 -0.59 1.27 9.46
CA GLY A 147 -2.06 1.42 9.49
C GLY A 147 -2.56 1.55 8.02
N ILE A 148 -3.75 1.05 7.75
CA ILE A 148 -4.52 1.39 6.55
C ILE A 148 -5.87 1.88 7.03
N LYS A 149 -6.33 2.99 6.45
CA LYS A 149 -7.69 3.46 6.64
C LYS A 149 -8.42 3.50 5.29
N THR A 150 -9.62 2.95 5.27
CA THR A 150 -10.43 2.91 4.04
C THR A 150 -11.89 3.12 4.39
N LYS A 151 -12.63 3.67 3.45
CA LYS A 151 -14.08 3.83 3.63
C LYS A 151 -14.86 2.54 3.41
N SER A 152 -14.23 1.59 2.73
CA SER A 152 -14.81 0.27 2.50
C SER A 152 -14.56 -0.62 3.72
N LYS A 153 -15.62 -0.94 4.44
CA LYS A 153 -15.56 -1.91 5.54
C LYS A 153 -15.21 -3.29 5.01
N GLU A 154 -15.77 -3.66 3.85
CA GLU A 154 -15.52 -4.95 3.30
C GLU A 154 -14.03 -5.15 3.01
N LEU A 155 -13.40 -4.13 2.40
CA LEU A 155 -11.97 -4.23 2.05
C LEU A 155 -11.08 -4.25 3.31
N ARG A 156 -11.37 -3.38 4.27
CA ARG A 156 -10.67 -3.35 5.52
C ARG A 156 -10.72 -4.75 6.17
N ASP A 157 -11.95 -5.29 6.26
CA ASP A 157 -12.17 -6.61 6.84
C ASP A 157 -11.40 -7.68 6.14
N TRP A 158 -11.38 -7.61 4.81
CA TRP A 158 -10.64 -8.59 4.03
C TRP A 158 -9.11 -8.45 4.28
N ILE A 159 -8.60 -7.22 4.35
CA ILE A 159 -7.14 -7.03 4.55
C ILE A 159 -6.75 -7.70 5.86
N ALA A 160 -7.47 -7.36 6.93
CA ALA A 160 -7.21 -7.90 8.22
C ALA A 160 -7.29 -9.42 8.26
N GLN A 161 -8.36 -9.99 7.67
CA GLN A 161 -8.59 -11.41 7.76
C GLN A 161 -7.53 -12.13 6.92
N THR A 162 -7.19 -11.53 5.78
CA THR A 162 -6.20 -12.11 4.87
C THR A 162 -4.81 -12.15 5.50
N LEU A 163 -4.39 -11.07 6.16
CA LEU A 163 -3.09 -11.06 6.88
C LEU A 163 -3.13 -12.13 7.97
N ASN A 164 -4.21 -12.16 8.75
CA ASN A 164 -4.37 -13.21 9.78
C ASN A 164 -4.23 -14.64 9.23
N ASP A 165 -4.82 -14.87 8.06
CA ASP A 165 -4.72 -16.15 7.33
C ASP A 165 -3.29 -16.47 6.87
N LEU A 166 -2.49 -15.46 6.56
CA LEU A 166 -1.07 -15.59 6.20
C LEU A 166 -0.15 -15.81 7.42
N GLY A 167 -0.70 -15.65 8.62
CA GLY A 167 0.04 -15.81 9.84
C GLY A 167 0.64 -14.47 10.25
N ILE A 168 0.14 -13.38 9.70
CA ILE A 168 0.65 -12.00 10.07
C ILE A 168 -0.47 -11.32 10.85
N ARG A 169 -0.30 -11.14 12.16
CA ARG A 169 -1.44 -10.71 12.98
C ARG A 169 -1.81 -9.25 12.68
N ALA A 170 -3.12 -8.98 12.58
CA ALA A 170 -3.64 -7.66 12.25
C ALA A 170 -4.87 -7.42 13.13
N SER A 171 -5.09 -6.17 13.54
CA SER A 171 -6.26 -5.88 14.33
C SER A 171 -7.12 -4.87 13.55
N ARG A 172 -8.36 -4.68 14.00
CA ARG A 172 -9.28 -3.73 13.36
C ARG A 172 -9.72 -2.64 14.32
N ALA A 173 -9.91 -1.44 13.80
CA ALA A 173 -10.47 -0.35 14.61
C ALA A 173 -11.35 0.51 13.70
N ASP A 174 -12.53 0.88 14.23
CA ASP A 174 -13.55 1.59 13.42
C ASP A 174 -13.50 3.05 13.83
N LYS A 175 -13.28 3.95 12.88
CA LYS A 175 -13.19 5.38 13.20
C LYS A 175 -14.40 6.08 12.58
N SER A 176 -14.72 7.29 13.07
CA SER A 176 -15.92 7.98 12.60
C SER A 176 -15.83 8.20 11.08
N ASP A 177 -14.62 8.45 10.59
CA ASP A 177 -14.41 8.71 9.18
C ASP A 177 -13.84 7.54 8.36
N GLY A 178 -13.87 6.31 8.87
CA GLY A 178 -13.34 5.16 8.09
C GLY A 178 -13.01 3.94 8.92
N TYR A 179 -12.52 2.90 8.24
CA TYR A 179 -12.26 1.61 8.89
C TYR A 179 -10.78 1.31 8.79
N GLU A 180 -10.17 1.03 9.94
CA GLU A 180 -8.72 0.87 10.04
C GLU A 180 -8.32 -0.59 10.30
N VAL A 181 -7.18 -0.95 9.72
CA VAL A 181 -6.47 -2.18 10.08
C VAL A 181 -5.07 -1.79 10.53
N HIS A 182 -4.63 -2.39 11.64
CA HIS A 182 -3.33 -2.09 12.26
C HIS A 182 -2.45 -3.36 12.25
N ILE A 183 -1.18 -3.19 11.85
CA ILE A 183 -0.17 -4.25 11.85
C ILE A 183 1.00 -3.66 12.67
N ASP A 184 1.23 -4.22 13.86
CA ASP A 184 2.15 -3.65 14.88
C ASP A 184 3.39 -4.48 15.15
N GLY A 185 4.47 -3.77 15.51
CA GLY A 185 5.67 -4.36 16.08
C GLY A 185 6.29 -5.35 15.11
N VAL A 186 6.63 -6.53 15.60
CA VAL A 186 7.21 -7.60 14.77
C VAL A 186 6.39 -7.80 13.49
N GLU A 187 5.04 -7.75 13.60
CA GLU A 187 4.20 -8.04 12.43
C GLU A 187 4.50 -7.00 11.35
N ALA A 188 4.70 -5.75 11.75
CA ALA A 188 5.00 -4.67 10.77
C ALA A 188 6.37 -4.91 10.15
N TRP A 189 7.33 -5.27 11.00
CA TRP A 189 8.71 -5.58 10.49
C TRP A 189 8.78 -6.70 9.46
N ARG A 190 7.77 -7.56 9.48
CA ARG A 190 7.67 -8.64 8.45
C ARG A 190 7.26 -8.10 7.09
N LEU A 191 6.62 -6.93 7.07
CA LEU A 191 6.22 -6.29 5.79
C LEU A 191 7.24 -5.25 5.27
N VAL A 192 7.90 -4.54 6.20
CA VAL A 192 8.86 -3.44 5.83
C VAL A 192 9.80 -3.77 4.66
N PRO A 193 10.46 -4.94 4.67
CA PRO A 193 11.42 -5.13 3.55
C PRO A 193 10.80 -5.12 2.16
N HIS A 194 9.49 -5.33 2.11
CA HIS A 194 8.78 -5.40 0.83
C HIS A 194 8.18 -4.07 0.37
N LEU A 195 8.10 -3.11 1.29
CA LEU A 195 7.52 -1.81 1.00
C LEU A 195 8.44 -1.02 0.05
N GLN A 196 7.80 -0.35 -0.90
CA GLN A 196 8.51 0.41 -1.93
C GLN A 196 8.44 1.86 -1.63
N ASN A 197 7.51 2.28 -0.78
CA ASN A 197 7.35 3.67 -0.42
C ASN A 197 8.44 4.12 0.56
N PRO A 198 9.44 4.91 0.08
CA PRO A 198 10.57 5.26 0.96
C PRO A 198 10.22 6.03 2.20
N THR A 199 9.13 6.78 2.19
CA THR A 199 8.63 7.41 3.43
C THR A 199 8.31 6.37 4.53
N HIS A 200 7.73 5.22 4.13
CA HIS A 200 7.41 4.16 5.12
C HIS A 200 8.65 3.58 5.76
N LEU A 201 9.64 3.33 4.91
CA LEU A 201 10.89 2.73 5.29
C LEU A 201 11.67 3.64 6.30
N GLU A 202 11.67 4.96 6.03
CA GLU A 202 12.32 5.97 6.93
C GLU A 202 11.63 6.11 8.25
N ARG A 203 10.32 6.19 8.22
CA ARG A 203 9.57 6.23 9.47
C ARG A 203 9.73 4.96 10.34
N ALA A 204 9.81 3.79 9.71
CA ALA A 204 10.01 2.53 10.44
C ALA A 204 11.39 2.63 11.16
N GLN A 205 12.39 3.06 10.43
CA GLN A 205 13.77 3.21 10.96
C GLN A 205 13.88 4.17 12.14
N SER A 206 13.05 5.22 12.15
CA SER A 206 13.01 6.24 13.20
C SER A 206 12.75 5.68 14.59
N VAL A 207 12.00 4.55 14.69
CA VAL A 207 11.70 3.97 16.01
C VAL A 207 12.97 3.62 16.81
N LYS A 208 14.04 3.27 16.10
CA LYS A 208 15.31 2.94 16.70
C LYS A 208 15.99 4.18 17.35
N ASP A 209 15.53 5.37 17.02
CA ASP A 209 16.08 6.61 17.57
C ASP A 209 15.66 6.82 19.03
N ASN A 210 14.53 6.22 19.43
CA ASN A 210 14.07 6.27 20.82
C ASN A 210 14.98 5.50 21.74
N ARG A 211 15.24 6.10 22.90
CA ARG A 211 16.04 5.47 23.94
C ARG A 211 15.28 4.26 24.50
N LEU A 212 13.96 4.37 24.60
CA LEU A 212 13.13 3.20 24.95
C LEU A 212 12.20 2.76 23.81
N SER A 213 12.70 1.88 22.99
CA SER A 213 11.86 1.24 22.01
C SER A 213 11.59 -0.18 22.54
N LEU A 214 10.37 -0.65 22.31
CA LEU A 214 9.96 -1.97 22.80
C LEU A 214 10.82 -3.12 22.24
N LEU A 215 11.17 -3.06 20.96
CA LEU A 215 11.86 -4.18 20.30
C LEU A 215 13.32 -3.92 19.93
N PHE A 216 13.89 -2.80 20.32
CA PHE A 216 15.27 -2.46 19.90
C PHE A 216 16.03 -1.94 21.12
CL CL B . 8.86 -1.64 16.45
S SO4 C . 13.31 -10.11 -3.11
O1 SO4 C . 13.35 -9.00 -4.09
O2 SO4 C . 14.43 -11.00 -3.39
O3 SO4 C . 13.31 -9.53 -1.76
O4 SO4 C . 12.11 -10.94 -3.28
S SO4 D . 4.32 -17.83 -4.95
O1 SO4 D . 4.62 -16.82 -5.94
O2 SO4 D . 5.63 -18.13 -4.36
O3 SO4 D . 3.38 -17.34 -3.94
O4 SO4 D . 3.70 -18.96 -5.60
#